data_8RVI
#
_entry.id   8RVI
#
_cell.length_a   73.437
_cell.length_b   114.512
_cell.length_c   106.409
_cell.angle_alpha   90.00
_cell.angle_beta   90.00
_cell.angle_gamma   90.00
#
_symmetry.space_group_name_H-M   'C 2 2 21'
#
loop_
_entity.id
_entity.type
_entity.pdbx_description
1 polymer 'Botulinum neurotoxin A heavy chain'
2 branched 'beta-D-galactopyranose-(1-3)-2-acetamido-2-deoxy-beta-D-galactopyranose-(1-4)-[N-acetyl-alpha-neuraminic acid-(2-3)]beta-D-galactopyranose'
3 water water
#
_entity_poly.entity_id   1
_entity_poly.type   'polypeptide(L)'
_entity_poly.pdbx_seq_one_letter_code
;MGSSHHHHHHSSGLVPRGSHMDTSILNLRYESNHLIDLSRYASKINIGSKVNFDPIDKNQIQLFNLESSKIEVILKNAIV
YNSMYENFSTSFWIRIPKYFNSISLNNEYTIINCMENNSGWKVSLNYGEIIWTLQDTQEIKQRVVFKYSQMINISDYINR
WIFVTITNNRLNNSKIYINGRLIDQKPISNLGNIHASNNIMFKLDGCRDTHRYIWIKYFNLFDKELNEKEIKDLYDNQSN
SGILKDFWGDYLQYDKPYYMLNLYDPNKYVDVNNVGIRGYMYLKGPRGSVMTTNIYLNSSLYRGTKFIIKKYASGNKDNI
VRNNDRVYINVVVKNKEYRLATNASQAGVEKILSALEIPDVGNLSQVVVMKSKNDQGITNKCKMNLQDNNGNDIGFIGFK
QFNNIAKLVASNWYNRQIERSSRTLGCSWEFIPVDDGWGERPLQ
;
_entity_poly.pdbx_strand_id   A
#
# COMPACT_ATOMS: atom_id res chain seq x y z
N SER A 19 -12.73 -29.22 1.45
CA SER A 19 -12.45 -29.82 2.77
C SER A 19 -12.84 -28.89 3.92
N HIS A 20 -13.74 -27.93 3.68
CA HIS A 20 -13.66 -26.64 4.35
C HIS A 20 -14.97 -26.09 4.94
N MET A 21 -14.83 -24.97 5.62
CA MET A 21 -15.93 -24.26 6.28
C MET A 21 -15.67 -22.80 6.06
N ASP A 22 -16.73 -22.02 5.87
CA ASP A 22 -16.54 -20.56 5.82
C ASP A 22 -16.51 -20.08 7.26
N THR A 23 -15.35 -19.59 7.67
CA THR A 23 -15.20 -19.08 9.03
C THR A 23 -15.40 -17.58 9.08
N SER A 24 -15.56 -16.92 7.93
CA SER A 24 -15.79 -15.47 7.93
C SER A 24 -17.23 -15.24 8.38
N ILE A 25 -17.42 -14.53 9.49
CA ILE A 25 -18.72 -14.15 10.03
C ILE A 25 -19.13 -12.69 9.77
N LEU A 26 -18.25 -11.93 9.14
CA LEU A 26 -18.54 -10.62 8.61
C LEU A 26 -17.53 -10.42 7.49
N ASN A 27 -18.02 -10.14 6.28
CA ASN A 27 -17.19 -9.94 5.12
C ASN A 27 -17.69 -8.68 4.42
N LEU A 28 -17.15 -7.54 4.78
CA LEU A 28 -17.66 -6.23 4.36
C LEU A 28 -17.07 -5.88 3.01
N ARG A 29 -17.90 -5.83 1.95
CA ARG A 29 -17.40 -5.57 0.60
C ARG A 29 -18.35 -4.67 -0.15
N TYR A 30 -17.80 -3.91 -1.06
CA TYR A 30 -18.60 -3.17 -2.05
C TYR A 30 -18.96 -4.09 -3.19
N GLU A 31 -20.26 -4.31 -3.38
CA GLU A 31 -20.79 -5.14 -4.45
C GLU A 31 -22.13 -4.59 -4.85
N SER A 32 -22.39 -4.65 -6.14
CA SER A 32 -23.68 -4.21 -6.69
C SER A 32 -24.12 -2.87 -6.08
N ASN A 33 -23.20 -1.92 -6.15
CA ASN A 33 -23.49 -0.52 -5.82
C ASN A 33 -23.61 -0.18 -4.36
N HIS A 34 -23.32 -1.13 -3.46
CA HIS A 34 -23.47 -0.88 -2.05
C HIS A 34 -22.36 -1.57 -1.27
N LEU A 35 -22.05 -0.98 -0.13
CA LEU A 35 -21.19 -1.65 0.84
C LEU A 35 -22.09 -2.57 1.65
N ILE A 36 -21.85 -3.88 1.55
CA ILE A 36 -22.66 -4.87 2.24
C ILE A 36 -21.83 -5.93 2.94
N ASP A 37 -22.47 -6.66 3.86
CA ASP A 37 -21.90 -7.87 4.42
C ASP A 37 -22.21 -9.05 3.52
N LEU A 38 -21.19 -9.69 2.97
CA LEU A 38 -21.36 -10.89 2.13
C LEU A 38 -21.47 -12.21 2.88
N SER A 39 -21.23 -12.23 4.19
CA SER A 39 -21.40 -13.43 4.98
C SER A 39 -22.88 -13.85 5.00
N ARG A 40 -23.10 -15.08 5.40
CA ARG A 40 -24.44 -15.63 5.58
C ARG A 40 -25.32 -14.83 6.55
N TYR A 41 -24.69 -14.07 7.45
CA TYR A 41 -25.42 -13.30 8.45
C TYR A 41 -26.03 -12.04 7.91
N ALA A 42 -25.48 -11.51 6.81
CA ALA A 42 -25.98 -10.29 6.17
C ALA A 42 -26.27 -9.17 7.17
N SER A 43 -25.30 -8.93 8.05
CA SER A 43 -25.44 -7.89 9.05
C SER A 43 -25.68 -6.54 8.39
N LYS A 44 -26.42 -5.69 9.08
CA LYS A 44 -26.84 -4.41 8.55
C LYS A 44 -25.72 -3.37 8.67
N ILE A 45 -25.54 -2.57 7.62
CA ILE A 45 -24.50 -1.55 7.50
C ILE A 45 -25.16 -0.17 7.38
N ASN A 46 -24.78 0.76 8.24
CA ASN A 46 -25.29 2.12 8.26
CA ASN A 46 -25.29 2.12 8.25
C ASN A 46 -24.12 3.02 7.91
N ILE A 47 -24.15 3.62 6.74
CA ILE A 47 -23.08 4.51 6.30
C ILE A 47 -23.41 5.95 6.62
N GLY A 48 -22.46 6.67 7.24
CA GLY A 48 -22.62 8.08 7.56
C GLY A 48 -22.55 8.98 6.35
N SER A 49 -22.91 10.25 6.53
CA SER A 49 -23.01 11.17 5.39
C SER A 49 -21.69 11.72 4.84
N LYS A 50 -20.56 11.51 5.54
CA LYS A 50 -19.30 12.12 5.13
C LYS A 50 -18.21 11.10 4.99
N VAL A 51 -18.60 9.95 4.47
CA VAL A 51 -17.68 8.86 4.13
C VAL A 51 -17.36 8.99 2.64
N ASN A 52 -16.06 8.97 2.30
CA ASN A 52 -15.62 9.08 0.91
CA ASN A 52 -15.62 9.07 0.90
C ASN A 52 -15.23 7.69 0.39
N PHE A 53 -15.51 7.44 -0.87
CA PHE A 53 -15.12 6.21 -1.54
C PHE A 53 -14.19 6.59 -2.67
N ASP A 54 -13.16 5.80 -2.87
CA ASP A 54 -12.24 6.03 -3.96
C ASP A 54 -13.01 5.81 -5.28
N PRO A 55 -12.87 6.74 -6.24
CA PRO A 55 -13.59 6.64 -7.52
C PRO A 55 -13.17 5.44 -8.37
N ILE A 56 -11.96 4.92 -8.18
CA ILE A 56 -11.45 3.83 -8.98
C ILE A 56 -11.69 2.46 -8.33
N ASP A 57 -11.55 2.39 -7.01
CA ASP A 57 -11.69 1.15 -6.28
C ASP A 57 -12.63 1.43 -5.13
N LYS A 58 -13.92 1.17 -5.32
CA LYS A 58 -14.93 1.49 -4.31
C LYS A 58 -14.89 0.66 -3.03
N ASN A 59 -14.04 -0.36 -2.96
CA ASN A 59 -13.81 -0.97 -1.65
C ASN A 59 -12.97 -0.13 -0.73
N GLN A 60 -12.29 0.89 -1.27
CA GLN A 60 -11.44 1.81 -0.48
C GLN A 60 -12.26 2.99 0.08
N ILE A 61 -12.33 3.01 1.40
CA ILE A 61 -13.20 3.88 2.18
C ILE A 61 -12.36 4.85 2.97
N GLN A 62 -12.67 6.14 2.90
CA GLN A 62 -11.96 7.16 3.65
C GLN A 62 -12.81 7.69 4.79
N LEU A 63 -12.26 7.64 6.01
CA LEU A 63 -12.91 8.20 7.19
C LEU A 63 -12.14 9.39 7.72
N PHE A 64 -12.83 10.54 7.81
CA PHE A 64 -12.28 11.79 8.30
C PHE A 64 -12.54 11.96 9.78
N ASN A 65 -11.89 12.95 10.37
CA ASN A 65 -12.11 13.27 11.77
C ASN A 65 -13.35 14.15 11.93
N LEU A 66 -14.49 13.55 11.63
CA LEU A 66 -15.81 14.21 11.67
C LEU A 66 -16.86 13.21 12.16
N GLU A 67 -17.85 13.69 12.92
CA GLU A 67 -18.85 12.80 13.49
C GLU A 67 -19.66 12.01 12.46
N SER A 68 -19.90 12.61 11.30
CA SER A 68 -20.66 11.98 10.22
C SER A 68 -19.82 11.08 9.30
N SER A 69 -18.52 11.01 9.55
CA SER A 69 -17.64 10.11 8.79
C SER A 69 -17.49 8.82 9.59
N LYS A 70 -18.45 7.94 9.37
CA LYS A 70 -18.58 6.76 10.16
C LYS A 70 -19.34 5.67 9.42
N ILE A 71 -19.05 4.43 9.78
CA ILE A 71 -19.77 3.26 9.32
C ILE A 71 -20.10 2.40 10.53
N GLU A 72 -21.37 2.05 10.68
CA GLU A 72 -21.79 1.20 11.79
C GLU A 72 -22.34 -0.12 11.25
N VAL A 73 -21.88 -1.22 11.81
CA VAL A 73 -22.36 -2.57 11.48
C VAL A 73 -23.19 -3.06 12.65
N ILE A 74 -24.43 -3.45 12.36
CA ILE A 74 -25.32 -4.03 13.36
C ILE A 74 -25.20 -5.53 13.29
N LEU A 75 -24.57 -6.13 14.29
CA LEU A 75 -24.32 -7.56 14.26
C LEU A 75 -25.60 -8.35 14.55
N LYS A 76 -25.81 -9.41 13.78
CA LYS A 76 -26.78 -10.44 14.15
C LYS A 76 -26.45 -11.01 15.54
N ASN A 77 -27.46 -11.25 16.37
CA ASN A 77 -27.25 -11.70 17.77
C ASN A 77 -26.35 -12.92 17.91
N ALA A 78 -26.49 -13.85 16.99
CA ALA A 78 -25.75 -15.12 17.04
C ALA A 78 -24.25 -14.92 17.01
N ILE A 79 -23.81 -13.81 16.42
CA ILE A 79 -22.39 -13.55 16.28
C ILE A 79 -21.88 -12.41 17.15
N VAL A 80 -22.69 -11.89 18.07
CA VAL A 80 -22.18 -10.96 19.09
C VAL A 80 -21.29 -11.76 20.02
N TYR A 81 -20.11 -11.24 20.32
CA TYR A 81 -19.12 -11.97 21.08
C TYR A 81 -19.46 -11.85 22.55
N ASN A 82 -19.70 -12.99 23.19
CA ASN A 82 -20.00 -13.02 24.62
C ASN A 82 -19.52 -14.38 25.12
N SER A 83 -18.23 -14.46 25.47
CA SER A 83 -17.60 -15.75 25.67
C SER A 83 -16.34 -15.66 26.53
N MET A 84 -16.08 -16.76 27.23
CA MET A 84 -14.84 -17.00 27.92
C MET A 84 -13.87 -17.84 27.06
N TYR A 85 -14.36 -18.44 25.97
CA TYR A 85 -13.56 -19.46 25.28
C TYR A 85 -13.46 -19.39 23.77
N GLU A 86 -14.37 -18.67 23.12
CA GLU A 86 -14.42 -18.71 21.66
C GLU A 86 -13.26 -17.96 21.00
N ASN A 87 -12.58 -18.62 20.07
CA ASN A 87 -11.46 -17.95 19.36
C ASN A 87 -12.00 -17.15 18.23
N PHE A 88 -11.31 -16.06 17.88
CA PHE A 88 -11.80 -15.18 16.79
C PHE A 88 -10.67 -14.35 16.23
N SER A 89 -10.84 -13.89 14.99
CA SER A 89 -9.84 -13.08 14.32
C SER A 89 -10.49 -11.97 13.54
N THR A 90 -9.69 -10.95 13.19
CA THR A 90 -10.13 -9.92 12.28
C THR A 90 -9.04 -9.60 11.28
N SER A 91 -9.44 -9.18 10.09
CA SER A 91 -8.46 -8.72 9.10
C SER A 91 -9.03 -7.51 8.37
N PHE A 92 -8.14 -6.65 7.92
CA PHE A 92 -8.50 -5.49 7.09
C PHE A 92 -7.23 -4.88 6.57
N TRP A 93 -7.38 -4.03 5.56
CA TRP A 93 -6.28 -3.21 5.06
C TRP A 93 -6.52 -1.77 5.50
N ILE A 94 -5.44 -1.05 5.78
CA ILE A 94 -5.51 0.35 6.21
C ILE A 94 -4.40 1.13 5.60
N ARG A 95 -4.63 2.44 5.41
CA ARG A 95 -3.62 3.37 4.90
C ARG A 95 -3.68 4.63 5.75
N ILE A 96 -2.63 4.83 6.52
CA ILE A 96 -2.61 5.83 7.60
C ILE A 96 -1.65 6.95 7.17
N PRO A 97 -2.17 8.17 7.00
CA PRO A 97 -1.29 9.28 6.61
C PRO A 97 -0.20 9.56 7.64
N LYS A 98 0.95 10.07 7.17
CA LYS A 98 2.01 10.46 8.05
C LYS A 98 1.49 11.37 9.17
N TYR A 99 1.95 11.14 10.38
CA TYR A 99 1.71 12.07 11.51
C TYR A 99 2.61 13.29 11.29
N PHE A 100 2.00 14.47 11.34
CA PHE A 100 2.69 15.73 10.94
C PHE A 100 2.99 16.68 12.11
N ASN A 101 2.21 16.59 13.19
CA ASN A 101 2.21 17.61 14.27
C ASN A 101 2.29 16.95 15.62
N SER A 102 2.89 17.65 16.58
CA SER A 102 3.05 17.10 17.93
C SER A 102 1.73 16.88 18.68
N ILE A 103 0.62 17.44 18.20
CA ILE A 103 -0.69 17.12 18.79
C ILE A 103 -1.03 15.63 18.68
N SER A 104 -0.40 14.95 17.72
CA SER A 104 -0.57 13.49 17.60
C SER A 104 0.29 12.63 18.53
N LEU A 105 1.30 13.18 19.21
CA LEU A 105 2.03 12.40 20.20
C LEU A 105 1.10 12.12 21.38
N ASN A 106 1.21 10.93 21.95
CA ASN A 106 0.43 10.53 23.09
C ASN A 106 -1.05 10.83 22.91
N ASN A 107 -1.62 10.44 21.77
CA ASN A 107 -3.05 10.59 21.55
C ASN A 107 -3.58 9.32 20.91
N GLU A 108 -3.79 8.31 21.73
CA GLU A 108 -4.45 7.08 21.23
C GLU A 108 -5.91 7.41 20.89
N TYR A 109 -6.33 6.99 19.70
CA TYR A 109 -7.69 7.25 19.23
C TYR A 109 -8.25 5.95 18.64
N THR A 110 -9.46 5.61 19.04
CA THR A 110 -10.14 4.43 18.49
C THR A 110 -10.52 4.66 17.03
N ILE A 111 -10.40 3.59 16.21
CA ILE A 111 -10.92 3.60 14.87
C ILE A 111 -11.95 2.51 14.54
N ILE A 112 -11.88 1.36 15.21
CA ILE A 112 -12.85 0.29 15.03
C ILE A 112 -13.26 -0.17 16.43
N ASN A 113 -14.49 0.13 16.80
CA ASN A 113 -14.94 -0.04 18.18
C ASN A 113 -16.01 -1.10 18.34
N CYS A 114 -15.70 -2.13 19.15
CA CYS A 114 -16.69 -3.11 19.56
C CYS A 114 -16.60 -3.30 21.07
N MET A 115 -16.46 -2.18 21.79
CA MET A 115 -16.48 -2.18 23.27
C MET A 115 -17.86 -1.72 23.75
N GLU A 116 -18.34 -2.36 24.80
CA GLU A 116 -19.62 -2.01 25.44
C GLU A 116 -19.38 -2.10 26.92
N ASN A 117 -19.57 -1.01 27.65
CA ASN A 117 -19.45 -1.07 29.10
C ASN A 117 -18.06 -1.55 29.50
N ASN A 118 -17.02 -1.07 28.82
CA ASN A 118 -15.63 -1.43 29.13
C ASN A 118 -15.28 -2.92 28.89
N SER A 119 -16.04 -3.63 28.08
CA SER A 119 -15.65 -4.98 27.68
C SER A 119 -15.82 -5.15 26.20
N GLY A 120 -14.92 -5.95 25.59
CA GLY A 120 -14.99 -6.16 24.15
C GLY A 120 -13.62 -6.03 23.52
N TRP A 121 -13.62 -5.58 22.28
CA TRP A 121 -12.40 -5.40 21.53
C TRP A 121 -12.45 -4.08 20.78
N LYS A 122 -11.26 -3.58 20.42
CA LYS A 122 -11.19 -2.40 19.58
C LYS A 122 -9.85 -2.34 18.92
N VAL A 123 -9.83 -1.67 17.77
CA VAL A 123 -8.62 -1.25 17.10
C VAL A 123 -8.51 0.25 17.32
N SER A 124 -7.31 0.68 17.70
CA SER A 124 -7.01 2.08 17.88
C SER A 124 -5.70 2.38 17.22
N LEU A 125 -5.45 3.66 17.03
CA LEU A 125 -4.19 4.14 16.48
C LEU A 125 -3.54 5.14 17.45
N ASN A 126 -2.23 5.34 17.31
CA ASN A 126 -1.54 6.44 17.99
C ASN A 126 -0.37 6.75 17.07
N TYR A 127 0.39 7.79 17.41
CA TYR A 127 1.59 8.12 16.67
C TYR A 127 2.45 6.90 16.43
N GLY A 128 2.62 6.54 15.17
CA GLY A 128 3.39 5.35 14.80
C GLY A 128 2.90 4.01 15.32
N GLU A 129 1.59 3.88 15.59
CA GLU A 129 1.07 2.65 16.22
C GLU A 129 -0.26 2.22 15.69
N ILE A 130 -0.40 0.88 15.59
CA ILE A 130 -1.67 0.21 15.43
C ILE A 130 -1.82 -0.71 16.64
N ILE A 131 -2.95 -0.61 17.29
CA ILE A 131 -3.17 -1.25 18.61
C ILE A 131 -4.48 -2.05 18.63
N TRP A 132 -4.41 -3.28 19.12
CA TRP A 132 -5.56 -4.12 19.42
C TRP A 132 -5.71 -4.20 20.91
N THR A 133 -6.91 -3.94 21.40
CA THR A 133 -7.20 -4.09 22.83
C THR A 133 -8.36 -5.03 23.06
N LEU A 134 -8.16 -5.93 24.03
CA LEU A 134 -9.22 -6.83 24.53
C LEU A 134 -9.43 -6.51 26.00
N GLN A 135 -10.69 -6.49 26.42
CA GLN A 135 -11.02 -6.28 27.83
C GLN A 135 -12.18 -7.16 28.25
N ASP A 136 -12.00 -7.87 29.37
CA ASP A 136 -13.05 -8.72 29.92
C ASP A 136 -14.04 -7.91 30.76
N THR A 137 -15.03 -8.58 31.34
CA THR A 137 -16.05 -7.88 32.12
C THR A 137 -15.60 -7.51 33.54
N GLN A 138 -14.37 -7.90 33.93
CA GLN A 138 -13.76 -7.60 35.22
C GLN A 138 -12.56 -6.64 35.08
N GLU A 139 -12.55 -5.92 33.95
CA GLU A 139 -11.58 -4.87 33.62
C GLU A 139 -10.13 -5.33 33.48
N ILE A 140 -9.91 -6.61 33.18
CA ILE A 140 -8.58 -7.11 32.84
C ILE A 140 -8.42 -6.86 31.33
N LYS A 141 -7.30 -6.27 30.95
CA LYS A 141 -7.04 -5.83 29.56
C LYS A 141 -5.80 -6.45 29.04
N GLN A 142 -5.71 -6.67 27.73
CA GLN A 142 -4.42 -6.92 27.12
C GLN A 142 -4.39 -6.12 25.82
N ARG A 143 -3.18 -5.72 25.40
CA ARG A 143 -2.95 -4.98 24.16
C ARG A 143 -1.85 -5.66 23.36
N VAL A 144 -2.01 -5.68 22.05
CA VAL A 144 -0.92 -6.07 21.17
C VAL A 144 -0.73 -4.89 20.25
N VAL A 145 0.52 -4.60 19.93
CA VAL A 145 0.89 -3.32 19.31
C VAL A 145 1.88 -3.56 18.20
N PHE A 146 1.58 -2.95 17.06
CA PHE A 146 2.52 -2.75 15.98
C PHE A 146 2.99 -1.32 16.06
N LYS A 147 4.34 -1.14 16.11
CA LYS A 147 4.94 0.19 16.15
C LYS A 147 5.81 0.37 14.96
N TYR A 148 5.65 1.46 14.24
CA TYR A 148 6.46 1.76 13.04
C TYR A 148 7.08 3.13 13.24
N SER A 149 8.30 3.29 12.75
CA SER A 149 9.06 4.51 12.89
C SER A 149 8.69 5.57 11.84
N GLN A 150 8.70 6.85 12.25
CA GLN A 150 8.68 7.95 11.30
C GLN A 150 10.05 8.62 11.10
N MET A 151 11.07 8.05 11.74
CA MET A 151 12.47 8.48 11.60
C MET A 151 13.20 7.40 10.83
N ILE A 152 13.06 7.44 9.50
CA ILE A 152 13.44 6.32 8.66
C ILE A 152 13.47 6.83 7.23
N ASN A 153 14.46 6.40 6.45
CA ASN A 153 14.64 6.95 5.11
C ASN A 153 13.44 6.66 4.23
N ILE A 154 13.09 5.37 4.14
CA ILE A 154 11.96 4.92 3.35
C ILE A 154 11.18 3.95 4.25
N SER A 155 9.92 4.26 4.47
CA SER A 155 9.06 3.41 5.29
C SER A 155 8.19 2.48 4.44
N ASP A 156 8.07 1.24 4.87
CA ASP A 156 7.12 0.31 4.28
C ASP A 156 5.70 0.63 4.68
N TYR A 157 5.51 1.45 5.72
CA TYR A 157 4.22 1.56 6.40
C TYR A 157 3.55 2.92 6.35
N ILE A 158 4.33 4.00 6.44
CA ILE A 158 3.73 5.33 6.51
C ILE A 158 2.97 5.62 5.21
N ASN A 159 1.67 5.86 5.33
CA ASN A 159 0.86 6.28 4.20
C ASN A 159 0.73 5.25 3.08
N ARG A 160 1.07 3.99 3.37
CA ARG A 160 1.00 2.90 2.37
C ARG A 160 0.00 1.85 2.83
N TRP A 161 -0.73 1.23 1.92
CA TRP A 161 -1.64 0.17 2.31
C TRP A 161 -0.91 -0.93 3.07
N ILE A 162 -1.48 -1.30 4.22
CA ILE A 162 -0.91 -2.30 5.14
C ILE A 162 -2.00 -3.33 5.34
N PHE A 163 -1.63 -4.60 5.19
CA PHE A 163 -2.59 -5.70 5.65
C PHE A 163 -2.46 -6.03 7.13
N VAL A 164 -3.53 -5.86 7.89
CA VAL A 164 -3.56 -6.15 9.33
C VAL A 164 -4.34 -7.42 9.57
N THR A 165 -3.80 -8.31 10.40
CA THR A 165 -4.59 -9.48 10.83
C THR A 165 -4.34 -9.66 12.29
N ILE A 166 -5.43 -9.80 13.04
CA ILE A 166 -5.33 -10.00 14.46
C ILE A 166 -6.04 -11.30 14.81
N THR A 167 -5.37 -12.15 15.58
CA THR A 167 -5.99 -13.45 15.95
C THR A 167 -5.99 -13.59 17.47
N ASN A 168 -6.96 -14.31 17.99
CA ASN A 168 -7.13 -14.45 19.44
C ASN A 168 -7.48 -15.89 19.78
N ASN A 169 -6.62 -16.48 20.60
CA ASN A 169 -6.78 -17.86 21.13
C ASN A 169 -6.96 -17.72 22.62
N ARG A 170 -8.14 -18.03 23.09
CA ARG A 170 -8.48 -17.78 24.48
C ARG A 170 -7.66 -18.62 25.48
N LEU A 171 -7.06 -19.73 25.04
CA LEU A 171 -6.16 -20.50 25.89
C LEU A 171 -4.73 -20.01 25.91
N ASN A 172 -4.33 -19.13 24.99
CA ASN A 172 -2.95 -18.63 25.03
C ASN A 172 -2.84 -17.16 24.59
N ASN A 173 -2.57 -16.90 23.30
CA ASN A 173 -2.13 -15.56 22.86
C ASN A 173 -3.08 -14.84 21.90
N SER A 174 -3.03 -13.51 21.97
CA SER A 174 -3.49 -12.65 20.88
C SER A 174 -2.26 -12.31 20.04
N LYS A 175 -2.46 -12.20 18.73
CA LYS A 175 -1.35 -11.97 17.81
C LYS A 175 -1.75 -10.91 16.80
N ILE A 176 -0.82 -10.01 16.48
CA ILE A 176 -1.02 -9.07 15.38
C ILE A 176 0.01 -9.38 14.29
N TYR A 177 -0.48 -9.49 13.04
CA TYR A 177 0.32 -9.71 11.86
C TYR A 177 0.16 -8.47 10.99
N ILE A 178 1.25 -8.14 10.28
CA ILE A 178 1.32 -7.02 9.37
C ILE A 178 1.85 -7.63 8.08
N ASN A 179 1.11 -7.45 6.99
CA ASN A 179 1.53 -7.98 5.67
C ASN A 179 1.87 -9.47 5.77
N GLY A 180 1.05 -10.16 6.56
CA GLY A 180 1.18 -11.59 6.69
C GLY A 180 2.23 -12.11 7.62
N ARG A 181 2.96 -11.21 8.28
CA ARG A 181 4.13 -11.54 9.13
C ARG A 181 3.77 -11.24 10.58
N LEU A 182 4.04 -12.17 11.51
CA LEU A 182 3.78 -11.92 12.91
C LEU A 182 4.66 -10.80 13.45
N ILE A 183 4.02 -9.83 14.10
CA ILE A 183 4.66 -8.66 14.70
C ILE A 183 4.72 -8.71 16.23
N ASP A 184 3.61 -9.02 16.88
CA ASP A 184 3.58 -9.02 18.34
C ASP A 184 2.61 -10.09 18.78
N GLN A 185 2.92 -10.72 19.90
CA GLN A 185 2.00 -11.67 20.49
C GLN A 185 2.10 -11.52 21.98
N LYS A 186 0.95 -11.55 22.62
CA LYS A 186 0.84 -11.38 24.06
C LYS A 186 -0.19 -12.34 24.63
N PRO A 187 0.03 -12.76 25.88
CA PRO A 187 -0.88 -13.72 26.48
C PRO A 187 -2.23 -13.10 26.87
N ILE A 188 -3.31 -13.85 26.68
CA ILE A 188 -4.65 -13.41 27.08
C ILE A 188 -5.41 -14.43 27.93
N SER A 189 -4.74 -15.49 28.35
CA SER A 189 -5.45 -16.63 28.99
C SER A 189 -6.00 -16.24 30.34
N ASN A 190 -5.53 -15.16 30.93
CA ASN A 190 -6.10 -14.66 32.20
C ASN A 190 -7.40 -13.88 32.04
N LEU A 191 -7.78 -13.48 30.82
CA LEU A 191 -9.06 -12.78 30.63
C LEU A 191 -10.24 -13.76 30.79
N GLY A 192 -11.29 -13.27 31.44
CA GLY A 192 -12.50 -14.05 31.69
C GLY A 192 -13.52 -13.86 30.60
N ASN A 193 -14.77 -13.64 30.96
CA ASN A 193 -15.81 -13.43 29.97
C ASN A 193 -15.58 -12.08 29.28
N ILE A 194 -15.60 -12.09 27.95
CA ILE A 194 -15.51 -10.86 27.17
C ILE A 194 -16.86 -10.73 26.53
N HIS A 195 -17.53 -9.62 26.79
CA HIS A 195 -18.82 -9.37 26.22
C HIS A 195 -18.70 -8.10 25.42
N ALA A 196 -18.61 -8.27 24.12
CA ALA A 196 -18.41 -7.14 23.21
C ALA A 196 -19.73 -6.48 22.83
N SER A 197 -19.61 -5.44 22.03
CA SER A 197 -20.76 -4.68 21.60
C SER A 197 -21.62 -5.41 20.60
N ASN A 198 -22.89 -4.99 20.56
CA ASN A 198 -23.82 -5.44 19.52
C ASN A 198 -23.53 -4.83 18.15
N ASN A 199 -22.71 -3.76 18.13
CA ASN A 199 -22.36 -3.06 16.91
C ASN A 199 -20.85 -2.93 16.79
N ILE A 200 -20.40 -2.69 15.56
CA ILE A 200 -19.03 -2.28 15.28
C ILE A 200 -19.08 -0.88 14.70
N MET A 201 -18.40 0.06 15.34
CA MET A 201 -18.33 1.44 14.87
C MET A 201 -16.98 1.74 14.26
N PHE A 202 -16.97 2.03 12.97
CA PHE A 202 -15.78 2.47 12.25
C PHE A 202 -15.86 3.99 12.26
N LYS A 203 -15.02 4.63 13.06
CA LYS A 203 -15.03 6.07 13.22
C LYS A 203 -13.83 6.50 14.02
N LEU A 204 -13.22 7.64 13.67
CA LEU A 204 -12.14 8.20 14.48
C LEU A 204 -12.73 8.79 15.77
N ASP A 205 -12.33 8.25 16.91
CA ASP A 205 -12.92 8.56 18.22
C ASP A 205 -11.80 8.99 19.14
N GLY A 206 -11.79 10.26 19.55
CA GLY A 206 -10.77 10.77 20.48
C GLY A 206 -9.50 11.31 19.84
N CYS A 207 -9.54 11.52 18.52
CA CYS A 207 -8.38 12.03 17.78
C CYS A 207 -8.32 13.57 17.87
N ARG A 208 -7.21 14.08 18.41
CA ARG A 208 -7.02 15.53 18.59
C ARG A 208 -6.59 16.26 17.31
N ASP A 209 -6.11 15.53 16.30
CA ASP A 209 -5.69 16.13 15.03
C ASP A 209 -6.90 16.28 14.13
N THR A 210 -7.37 17.52 13.95
CA THR A 210 -8.59 17.73 13.16
C THR A 210 -8.51 17.36 11.68
N HIS A 211 -7.30 17.28 11.14
CA HIS A 211 -7.07 16.94 9.73
C HIS A 211 -6.81 15.44 9.55
N ARG A 212 -6.83 14.68 10.63
CA ARG A 212 -6.57 13.21 10.51
C ARG A 212 -7.66 12.50 9.73
N TYR A 213 -7.27 11.46 8.97
CA TYR A 213 -8.19 10.56 8.32
C TYR A 213 -7.49 9.21 8.20
N ILE A 214 -8.26 8.20 7.84
CA ILE A 214 -7.69 6.90 7.43
C ILE A 214 -8.39 6.44 6.17
N TRP A 215 -7.72 5.55 5.43
CA TRP A 215 -8.37 4.74 4.40
C TRP A 215 -8.43 3.31 4.90
N ILE A 216 -9.54 2.61 4.65
CA ILE A 216 -9.71 1.22 5.09
C ILE A 216 -10.39 0.41 4.01
N LYS A 217 -10.13 -0.89 3.95
CA LYS A 217 -10.81 -1.80 3.05
C LYS A 217 -10.83 -3.22 3.50
N TYR A 218 -11.81 -3.96 2.98
CA TYR A 218 -11.88 -5.41 3.14
C TYR A 218 -11.96 -5.90 4.62
N PHE A 219 -12.76 -5.23 5.44
CA PHE A 219 -12.91 -5.70 6.83
C PHE A 219 -13.59 -7.08 6.92
N ASN A 220 -12.96 -7.98 7.67
CA ASN A 220 -13.49 -9.29 7.95
C ASN A 220 -13.36 -9.64 9.41
N LEU A 221 -14.34 -10.44 9.87
CA LEU A 221 -14.27 -11.12 11.15
C LEU A 221 -14.40 -12.61 10.92
N PHE A 222 -13.71 -13.40 11.73
CA PHE A 222 -13.66 -14.86 11.62
C PHE A 222 -13.91 -15.50 12.97
N ASP A 223 -14.62 -16.63 12.97
CA ASP A 223 -14.92 -17.33 14.24
C ASP A 223 -13.90 -18.41 14.60
N LYS A 224 -12.62 -18.17 14.28
CA LYS A 224 -11.53 -18.99 14.76
C LYS A 224 -10.27 -18.14 14.85
N GLU A 225 -9.23 -18.73 15.42
CA GLU A 225 -7.88 -18.22 15.33
C GLU A 225 -7.28 -18.64 14.00
N LEU A 226 -7.08 -17.69 13.11
CA LEU A 226 -6.48 -18.02 11.81
C LEU A 226 -5.04 -18.47 12.00
N ASN A 227 -4.61 -19.46 11.21
CA ASN A 227 -3.21 -19.90 11.22
C ASN A 227 -2.43 -19.16 10.19
N GLU A 228 -1.11 -19.32 10.24
CA GLU A 228 -0.18 -18.60 9.36
C GLU A 228 -0.47 -18.77 7.89
N LYS A 229 -0.79 -20.00 7.47
CA LYS A 229 -1.11 -20.30 6.08
C LYS A 229 -2.36 -19.58 5.63
N GLU A 230 -3.39 -19.61 6.47
CA GLU A 230 -4.63 -18.92 6.17
C GLU A 230 -4.37 -17.42 6.01
N ILE A 231 -3.53 -16.87 6.88
CA ILE A 231 -3.24 -15.44 6.83
C ILE A 231 -2.49 -15.05 5.55
N LYS A 232 -1.49 -15.84 5.18
CA LYS A 232 -0.74 -15.60 3.97
C LYS A 232 -1.60 -15.72 2.73
N ASP A 233 -2.51 -16.70 2.70
CA ASP A 233 -3.49 -16.81 1.61
C ASP A 233 -4.43 -15.61 1.51
N LEU A 234 -4.93 -15.11 2.64
CA LEU A 234 -5.75 -13.90 2.60
C LEU A 234 -4.93 -12.71 2.04
N TYR A 235 -3.70 -12.57 2.54
CA TYR A 235 -2.81 -11.49 2.12
C TYR A 235 -2.58 -11.56 0.60
N ASP A 236 -2.25 -12.76 0.10
CA ASP A 236 -2.00 -12.90 -1.33
C ASP A 236 -3.25 -12.65 -2.17
N ASN A 237 -4.36 -13.21 -1.72
CA ASN A 237 -5.61 -13.08 -2.46
C ASN A 237 -6.02 -11.61 -2.56
N GLN A 238 -6.00 -10.92 -1.41
CA GLN A 238 -6.52 -9.58 -1.36
C GLN A 238 -5.56 -8.52 -1.91
N SER A 239 -4.34 -8.92 -2.22
CA SER A 239 -3.35 -8.07 -2.85
C SER A 239 -3.69 -7.69 -4.32
N ASN A 240 -4.56 -8.45 -4.99
CA ASN A 240 -4.98 -8.15 -6.39
C ASN A 240 -3.75 -8.06 -7.33
N SER A 241 -2.94 -9.13 -7.34
CA SER A 241 -1.67 -9.19 -8.10
C SER A 241 -1.85 -9.05 -9.62
N GLY A 242 -3.11 -9.13 -10.10
CA GLY A 242 -3.43 -8.86 -11.52
C GLY A 242 -3.33 -7.41 -11.98
N ILE A 243 -3.34 -6.50 -11.02
CA ILE A 243 -3.25 -5.04 -11.27
C ILE A 243 -1.99 -4.56 -10.60
N LEU A 244 -1.19 -3.80 -11.32
CA LEU A 244 -0.01 -3.24 -10.72
C LEU A 244 -0.39 -2.12 -9.76
N LYS A 245 0.48 -1.84 -8.80
CA LYS A 245 0.27 -0.81 -7.81
C LYS A 245 1.31 0.28 -7.85
N ASP A 246 0.90 1.46 -7.40
CA ASP A 246 1.81 2.54 -7.12
C ASP A 246 2.42 2.35 -5.74
N PHE A 247 3.33 3.27 -5.36
CA PHE A 247 4.07 3.14 -4.09
C PHE A 247 3.15 3.08 -2.89
N TRP A 248 2.03 3.81 -2.95
CA TRP A 248 1.11 3.86 -1.82
C TRP A 248 0.23 2.61 -1.74
N GLY A 249 0.21 1.79 -2.80
CA GLY A 249 -0.60 0.59 -2.86
C GLY A 249 -1.91 0.76 -3.61
N ASP A 250 -2.13 1.93 -4.23
CA ASP A 250 -3.31 2.13 -5.08
C ASP A 250 -3.03 1.57 -6.47
N TYR A 251 -4.07 1.41 -7.27
CA TYR A 251 -3.85 0.89 -8.62
C TYR A 251 -2.93 1.83 -9.41
N LEU A 252 -1.98 1.25 -10.10
CA LEU A 252 -1.12 1.99 -11.03
C LEU A 252 -1.96 2.36 -12.26
N GLN A 253 -1.73 3.57 -12.78
CA GLN A 253 -2.56 4.14 -13.85
C GLN A 253 -1.72 4.63 -15.00
N TYR A 254 -2.32 4.55 -16.19
CA TYR A 254 -1.85 5.25 -17.37
C TYR A 254 -2.10 6.76 -17.28
N ASP A 255 -1.27 7.52 -17.99
CA ASP A 255 -1.46 8.97 -18.15
C ASP A 255 -1.43 9.73 -16.83
N LYS A 256 -0.59 9.26 -15.90
CA LYS A 256 -0.52 9.80 -14.54
C LYS A 256 0.96 9.97 -14.19
N PRO A 257 1.40 11.20 -13.87
CA PRO A 257 2.82 11.39 -13.58
C PRO A 257 3.24 10.78 -12.25
N TYR A 258 4.40 10.14 -12.27
CA TYR A 258 4.94 9.48 -11.10
C TYR A 258 6.41 9.81 -10.92
N TYR A 259 6.83 10.04 -9.69
CA TYR A 259 8.25 10.06 -9.39
C TYR A 259 8.74 8.63 -9.19
N MET A 260 10.00 8.36 -9.53
CA MET A 260 10.49 7.00 -9.54
C MET A 260 11.40 6.65 -8.35
N LEU A 261 11.22 5.45 -7.82
CA LEU A 261 12.07 4.92 -6.75
C LEU A 261 12.67 3.59 -7.23
N ASN A 262 13.99 3.51 -7.23
CA ASN A 262 14.69 2.24 -7.49
C ASN A 262 15.03 1.63 -6.13
N LEU A 263 14.63 0.39 -5.93
CA LEU A 263 14.71 -0.19 -4.60
C LEU A 263 16.11 -0.60 -4.20
N TYR A 264 16.97 -0.84 -5.18
CA TYR A 264 18.37 -1.13 -4.89
C TYR A 264 19.17 0.06 -4.38
N ASP A 265 18.85 1.24 -4.92
N ASP A 265 19.03 1.26 -4.95
CA ASP A 265 19.48 2.51 -4.65
CA ASP A 265 19.59 2.46 -4.28
C ASP A 265 18.38 3.50 -4.17
C ASP A 265 18.46 3.43 -4.10
N PRO A 266 17.76 3.28 -2.98
CA PRO A 266 16.63 4.11 -2.62
C PRO A 266 16.96 5.53 -2.25
N ASN A 267 18.24 5.87 -2.06
CA ASN A 267 18.63 7.26 -1.80
C ASN A 267 19.05 7.97 -3.07
N LYS A 268 18.70 7.43 -4.24
CA LYS A 268 18.99 8.13 -5.49
C LYS A 268 17.68 8.39 -6.21
N TYR A 269 17.69 9.35 -7.11
CA TYR A 269 16.54 9.65 -7.95
C TYR A 269 16.95 9.71 -9.43
N VAL A 270 15.96 9.59 -10.29
CA VAL A 270 16.17 9.58 -11.73
C VAL A 270 16.32 10.99 -12.27
N ASP A 271 17.36 11.21 -13.07
CA ASP A 271 17.50 12.47 -13.81
C ASP A 271 17.93 12.19 -15.24
N VAL A 272 17.95 13.25 -16.03
CA VAL A 272 18.39 13.12 -17.42
C VAL A 272 19.62 14.02 -17.64
N ASN A 273 20.61 13.48 -18.37
CA ASN A 273 21.80 14.21 -18.83
C ASN A 273 21.58 14.39 -20.32
N ASN A 274 20.93 15.51 -20.67
CA ASN A 274 20.52 15.88 -22.05
C ASN A 274 19.49 14.96 -22.66
N VAL A 275 18.51 15.54 -23.34
CA VAL A 275 17.56 14.73 -24.12
C VAL A 275 18.22 14.32 -25.45
N GLY A 276 17.64 13.32 -26.09
CA GLY A 276 18.19 12.82 -27.35
C GLY A 276 19.06 11.59 -27.21
N ILE A 277 19.45 11.03 -28.37
CA ILE A 277 20.20 9.76 -28.36
C ILE A 277 21.65 9.83 -27.82
N ARG A 278 22.25 11.01 -27.74
CA ARG A 278 23.56 11.14 -27.07
C ARG A 278 23.47 11.52 -25.61
N GLY A 279 22.26 11.69 -25.09
CA GLY A 279 22.09 11.84 -23.65
C GLY A 279 21.70 10.52 -23.03
N TYR A 280 21.47 10.54 -21.72
CA TYR A 280 21.11 9.32 -21.00
C TYR A 280 20.35 9.62 -19.72
N MET A 281 19.55 8.67 -19.30
CA MET A 281 18.92 8.68 -18.00
C MET A 281 19.88 8.10 -16.97
N TYR A 282 19.82 8.60 -15.74
CA TYR A 282 20.71 8.12 -14.67
C TYR A 282 20.13 8.35 -13.31
N LEU A 283 20.73 7.67 -12.34
CA LEU A 283 20.40 7.80 -10.95
C LEU A 283 21.45 8.63 -10.26
N LYS A 284 21.00 9.56 -9.43
CA LYS A 284 21.91 10.41 -8.67
C LYS A 284 21.34 10.67 -7.30
N GLY A 285 22.21 11.03 -6.36
CA GLY A 285 21.76 11.19 -4.99
C GLY A 285 22.73 12.02 -4.19
N PRO A 286 22.41 12.35 -2.95
CA PRO A 286 21.27 11.86 -2.20
C PRO A 286 19.95 12.57 -2.50
N ARG A 287 18.86 11.96 -2.05
CA ARG A 287 17.55 12.59 -2.15
C ARG A 287 17.37 13.86 -1.32
N GLY A 288 18.02 13.92 -0.19
CA GLY A 288 17.67 15.00 0.75
C GLY A 288 16.47 14.56 1.58
N SER A 289 16.18 15.32 2.63
CA SER A 289 15.24 14.91 3.68
C SER A 289 14.05 15.83 3.77
N VAL A 290 12.95 15.26 4.25
CA VAL A 290 11.79 16.02 4.72
C VAL A 290 11.70 15.80 6.22
N MET A 291 11.35 16.85 6.95
CA MET A 291 11.37 16.75 8.41
C MET A 291 10.40 17.68 9.12
N THR A 292 9.88 17.21 10.25
CA THR A 292 9.40 18.07 11.35
C THR A 292 10.04 17.55 12.61
N THR A 293 10.66 18.48 13.35
CA THR A 293 11.43 18.12 14.52
C THR A 293 10.63 17.25 15.47
N ASN A 294 11.23 16.12 15.88
CA ASN A 294 10.62 15.13 16.80
C ASN A 294 9.38 14.39 16.27
N ILE A 295 9.04 14.59 15.00
CA ILE A 295 7.80 14.00 14.44
C ILE A 295 8.14 13.08 13.26
N TYR A 296 8.87 13.57 12.28
CA TYR A 296 9.35 12.70 11.20
C TYR A 296 10.66 13.19 10.60
N LEU A 297 11.39 12.25 10.02
CA LEU A 297 12.60 12.54 9.26
C LEU A 297 12.71 11.43 8.22
N ASN A 298 12.42 11.77 6.97
CA ASN A 298 12.38 10.79 5.89
C ASN A 298 13.07 11.33 4.64
N SER A 299 13.39 10.44 3.71
CA SER A 299 13.89 10.84 2.42
C SER A 299 12.78 11.55 1.64
N SER A 300 13.17 12.59 0.91
CA SER A 300 12.28 13.24 -0.05
C SER A 300 11.93 12.28 -1.19
N LEU A 301 10.64 12.17 -1.50
CA LEU A 301 10.13 11.31 -2.54
C LEU A 301 9.79 12.00 -3.86
N TYR A 302 9.67 13.32 -3.84
CA TYR A 302 9.29 14.03 -5.06
C TYR A 302 10.49 14.62 -5.75
N ARG A 303 11.37 13.74 -6.20
CA ARG A 303 12.63 14.13 -6.83
CA ARG A 303 12.63 14.13 -6.82
C ARG A 303 12.76 13.56 -8.22
N GLY A 304 13.39 14.33 -9.10
CA GLY A 304 13.77 13.81 -10.40
C GLY A 304 12.75 13.96 -11.51
N THR A 305 13.05 13.37 -12.64
CA THR A 305 12.12 13.41 -13.79
C THR A 305 10.96 12.48 -13.58
N LYS A 306 9.74 12.97 -13.75
CA LYS A 306 8.56 12.12 -13.67
C LYS A 306 8.43 11.21 -14.90
N PHE A 307 7.91 10.01 -14.68
CA PHE A 307 7.55 9.08 -15.75
C PHE A 307 6.03 9.04 -15.88
N ILE A 308 5.58 8.83 -17.12
CA ILE A 308 4.16 8.64 -17.42
C ILE A 308 4.05 7.36 -18.23
N ILE A 309 3.14 6.48 -17.84
CA ILE A 309 2.93 5.21 -18.53
C ILE A 309 1.88 5.45 -19.61
N LYS A 310 2.21 5.03 -20.84
CA LYS A 310 1.35 5.27 -22.01
C LYS A 310 0.84 3.94 -22.55
N LYS A 311 -0.44 3.89 -22.89
CA LYS A 311 -1.01 2.71 -23.56
C LYS A 311 -0.36 2.38 -24.89
N TYR A 312 -0.14 1.09 -25.10
CA TYR A 312 0.31 0.62 -26.39
C TYR A 312 -0.60 -0.52 -26.82
N ALA A 313 -0.43 -1.67 -26.19
CA ALA A 313 -1.12 -2.90 -26.64
C ALA A 313 -2.45 -3.17 -25.92
N SER A 314 -2.66 -2.60 -24.74
CA SER A 314 -3.87 -2.96 -23.97
C SER A 314 -5.17 -2.50 -24.67
N GLY A 315 -6.14 -3.41 -24.76
CA GLY A 315 -7.47 -3.08 -25.26
C GLY A 315 -8.49 -2.77 -24.17
N ASN A 316 -8.08 -2.70 -22.90
CA ASN A 316 -9.02 -2.30 -21.86
C ASN A 316 -9.16 -0.77 -21.95
N LYS A 317 -10.40 -0.29 -21.85
CA LYS A 317 -10.69 1.14 -21.96
C LYS A 317 -10.75 1.87 -20.60
N ASP A 318 -10.31 1.25 -19.52
CA ASP A 318 -10.01 2.02 -18.31
C ASP A 318 -8.53 2.48 -18.31
N ASN A 319 -8.06 3.22 -17.32
CA ASN A 319 -6.65 3.65 -17.34
C ASN A 319 -5.86 2.94 -16.24
N ILE A 320 -6.25 1.71 -15.90
CA ILE A 320 -5.51 0.87 -14.94
C ILE A 320 -4.46 0.03 -15.64
N VAL A 321 -3.25 -0.03 -15.07
CA VAL A 321 -2.15 -0.83 -15.61
C VAL A 321 -2.19 -2.24 -15.05
N ARG A 322 -2.43 -3.22 -15.91
CA ARG A 322 -2.54 -4.61 -15.53
C ARG A 322 -1.21 -5.33 -15.74
N ASN A 323 -1.05 -6.38 -14.95
CA ASN A 323 0.08 -7.26 -15.09
C ASN A 323 0.21 -7.78 -16.50
N ASN A 324 1.42 -7.69 -17.04
CA ASN A 324 1.74 -8.04 -18.43
C ASN A 324 1.31 -7.04 -19.52
N ASP A 325 0.77 -5.87 -19.15
CA ASP A 325 0.49 -4.87 -20.17
C ASP A 325 1.77 -4.44 -20.88
N ARG A 326 1.67 -4.27 -22.18
CA ARG A 326 2.77 -3.72 -22.98
C ARG A 326 2.45 -2.25 -23.16
N VAL A 327 3.43 -1.40 -22.80
CA VAL A 327 3.25 0.05 -22.68
C VAL A 327 4.43 0.80 -23.31
N TYR A 328 4.31 2.13 -23.40
CA TYR A 328 5.48 2.97 -23.54
C TYR A 328 5.67 3.77 -22.26
N ILE A 329 6.90 4.22 -22.03
CA ILE A 329 7.22 5.06 -20.88
C ILE A 329 7.65 6.42 -21.42
N ASN A 330 6.94 7.46 -20.99
CA ASN A 330 7.32 8.84 -21.28
C ASN A 330 8.02 9.43 -20.06
N VAL A 331 9.00 10.28 -20.34
CA VAL A 331 9.74 11.01 -19.32
C VAL A 331 9.41 12.48 -19.47
N VAL A 332 9.09 13.14 -18.37
CA VAL A 332 8.69 14.54 -18.40
C VAL A 332 9.92 15.39 -18.12
N VAL A 333 10.32 16.22 -19.09
CA VAL A 333 11.44 17.14 -18.94
C VAL A 333 10.95 18.54 -19.31
N LYS A 334 10.91 19.43 -18.30
CA LYS A 334 10.47 20.81 -18.51
C LYS A 334 9.04 20.86 -19.07
N ASN A 335 8.14 20.11 -18.43
CA ASN A 335 6.73 20.06 -18.82
C ASN A 335 6.49 19.66 -20.31
N LYS A 336 7.34 18.81 -20.84
CA LYS A 336 7.19 18.24 -22.18
C LYS A 336 7.52 16.76 -22.08
N GLU A 337 6.79 15.91 -22.81
CA GLU A 337 7.02 14.46 -22.74
C GLU A 337 8.02 13.98 -23.81
N TYR A 338 8.95 13.13 -23.39
CA TYR A 338 9.93 12.43 -24.22
C TYR A 338 9.72 10.95 -24.04
N ARG A 339 10.24 10.14 -24.95
CA ARG A 339 10.06 8.68 -24.92
C ARG A 339 11.31 7.98 -24.43
N LEU A 340 11.16 7.12 -23.44
CA LEU A 340 12.24 6.30 -22.92
C LEU A 340 12.55 5.25 -23.99
N ALA A 341 13.80 5.21 -24.47
CA ALA A 341 14.14 4.29 -25.58
C ALA A 341 15.63 4.02 -25.61
N THR A 342 16.03 3.03 -26.41
CA THR A 342 17.43 2.72 -26.62
C THR A 342 17.63 2.14 -28.02
N ASN A 343 18.87 2.23 -28.50
CA ASN A 343 19.31 1.45 -29.65
C ASN A 343 19.93 0.17 -29.13
N ALA A 344 19.20 -0.94 -29.27
CA ALA A 344 19.66 -2.24 -28.78
C ALA A 344 20.89 -2.82 -29.50
N SER A 345 21.29 -2.24 -30.63
CA SER A 345 22.52 -2.63 -31.35
C SER A 345 23.85 -2.24 -30.66
N GLN A 346 23.80 -1.28 -29.74
CA GLN A 346 25.00 -0.83 -29.01
C GLN A 346 25.72 -2.03 -28.36
N ALA A 347 27.05 -1.96 -28.32
CA ALA A 347 27.87 -3.05 -27.80
C ALA A 347 27.58 -3.32 -26.32
N GLY A 348 27.68 -4.58 -25.92
CA GLY A 348 27.55 -4.96 -24.51
C GLY A 348 26.11 -5.27 -24.17
N VAL A 349 25.93 -6.02 -23.09
CA VAL A 349 24.63 -6.53 -22.67
C VAL A 349 23.70 -5.40 -22.24
N GLU A 350 24.28 -4.40 -21.58
CA GLU A 350 23.53 -3.29 -21.01
C GLU A 350 23.26 -2.24 -22.08
N LYS A 351 21.99 -1.98 -22.37
CA LYS A 351 21.61 -0.96 -23.35
C LYS A 351 21.16 0.31 -22.59
N ILE A 352 21.95 1.37 -22.71
CA ILE A 352 21.69 2.64 -22.04
C ILE A 352 20.42 3.31 -22.55
N LEU A 353 19.58 3.75 -21.62
CA LEU A 353 18.34 4.39 -22.00
C LEU A 353 18.48 5.91 -22.12
N SER A 354 17.77 6.48 -23.07
CA SER A 354 17.77 7.89 -23.38
C SER A 354 16.32 8.38 -23.37
N ALA A 355 16.14 9.67 -23.32
CA ALA A 355 14.83 10.32 -23.48
C ALA A 355 14.76 11.01 -24.85
N LEU A 356 13.98 10.45 -25.75
CA LEU A 356 13.91 10.86 -27.16
C LEU A 356 12.69 11.70 -27.49
N GLU A 357 12.85 12.60 -28.46
CA GLU A 357 11.70 13.26 -29.00
C GLU A 357 10.81 12.18 -29.57
N ILE A 358 9.52 12.25 -29.23
CA ILE A 358 8.57 11.18 -29.59
C ILE A 358 8.46 11.02 -31.11
N PRO A 359 8.40 12.13 -31.87
CA PRO A 359 8.40 11.94 -33.33
C PRO A 359 9.68 11.31 -33.91
N ASP A 360 10.78 11.28 -33.14
CA ASP A 360 12.10 10.83 -33.59
C ASP A 360 12.54 9.46 -33.09
N VAL A 361 11.65 8.73 -32.44
CA VAL A 361 12.04 7.43 -31.92
C VAL A 361 12.30 6.43 -33.04
N GLY A 362 11.56 6.55 -34.14
CA GLY A 362 11.80 5.66 -35.30
C GLY A 362 11.66 4.21 -34.90
N ASN A 363 12.66 3.38 -35.22
CA ASN A 363 12.62 1.96 -34.94
C ASN A 363 13.37 1.56 -33.65
N LEU A 364 13.73 2.53 -32.82
CA LEU A 364 14.42 2.23 -31.57
C LEU A 364 13.50 1.44 -30.62
N SER A 365 14.11 0.66 -29.74
CA SER A 365 13.37 -0.14 -28.79
C SER A 365 12.79 0.69 -27.66
N GLN A 366 11.50 0.54 -27.49
CA GLN A 366 10.69 1.36 -26.54
C GLN A 366 9.53 0.65 -25.88
N VAL A 367 9.17 -0.55 -26.35
CA VAL A 367 8.01 -1.24 -25.77
C VAL A 367 8.43 -1.90 -24.47
N VAL A 368 7.63 -1.68 -23.43
CA VAL A 368 7.95 -2.18 -22.09
C VAL A 368 6.81 -3.09 -21.61
N VAL A 369 7.16 -4.28 -21.14
CA VAL A 369 6.20 -5.16 -20.48
C VAL A 369 6.23 -4.85 -18.99
N MET A 370 5.07 -4.46 -18.45
CA MET A 370 4.95 -4.16 -17.05
C MET A 370 4.57 -5.41 -16.28
N LYS A 371 5.28 -5.69 -15.19
CA LYS A 371 5.03 -6.87 -14.36
C LYS A 371 4.94 -6.48 -12.91
N SER A 372 3.97 -7.06 -12.19
CA SER A 372 3.92 -6.93 -10.72
C SER A 372 4.90 -7.96 -10.19
N LYS A 373 5.45 -7.67 -9.03
CA LYS A 373 6.35 -8.59 -8.36
C LYS A 373 5.90 -8.64 -6.91
N ASN A 374 5.17 -9.68 -6.54
CA ASN A 374 4.68 -9.85 -5.16
C ASN A 374 5.55 -10.91 -4.49
N ASP A 375 6.19 -10.55 -3.38
CA ASP A 375 7.01 -11.50 -2.61
C ASP A 375 6.91 -11.18 -1.09
N GLN A 376 7.97 -11.41 -0.31
CA GLN A 376 7.89 -11.23 1.16
C GLN A 376 8.48 -9.89 1.66
N GLY A 377 8.96 -9.05 0.74
CA GLY A 377 9.53 -7.75 1.06
C GLY A 377 8.51 -6.64 0.81
N ILE A 378 9.03 -5.42 0.64
CA ILE A 378 8.19 -4.22 0.48
C ILE A 378 7.12 -4.43 -0.62
N THR A 379 5.90 -4.01 -0.33
CA THR A 379 4.79 -4.15 -1.24
C THR A 379 5.01 -3.23 -2.46
N ASN A 380 4.27 -3.54 -3.53
CA ASN A 380 4.10 -2.64 -4.69
C ASN A 380 5.28 -2.53 -5.64
N LYS A 381 6.15 -3.55 -5.67
CA LYS A 381 7.26 -3.56 -6.61
C LYS A 381 6.80 -3.84 -8.03
N CYS A 382 7.42 -3.14 -8.99
CA CYS A 382 7.11 -3.28 -10.41
C CYS A 382 8.39 -3.56 -11.19
N LYS A 383 8.31 -4.36 -12.26
CA LYS A 383 9.42 -4.59 -13.17
C LYS A 383 8.98 -4.18 -14.55
N MET A 384 9.96 -3.78 -15.37
CA MET A 384 9.72 -3.22 -16.69
C MET A 384 10.66 -3.93 -17.66
N ASN A 385 10.13 -4.80 -18.50
CA ASN A 385 10.97 -5.57 -19.43
C ASN A 385 10.92 -4.91 -20.82
N LEU A 386 12.04 -4.37 -21.26
CA LEU A 386 12.10 -3.68 -22.56
C LEU A 386 12.17 -4.72 -23.67
N GLN A 387 11.42 -4.50 -24.74
CA GLN A 387 11.43 -5.41 -25.89
C GLN A 387 11.69 -4.62 -27.15
N ASP A 388 12.27 -5.32 -28.12
CA ASP A 388 12.46 -4.73 -29.44
C ASP A 388 11.16 -4.76 -30.23
N ASN A 389 11.19 -4.29 -31.47
CA ASN A 389 9.95 -4.18 -32.20
C ASN A 389 9.46 -5.47 -32.77
N ASN A 390 10.26 -6.53 -32.66
CA ASN A 390 9.77 -7.89 -32.91
C ASN A 390 9.38 -8.65 -31.66
N GLY A 391 9.30 -7.98 -30.54
CA GLY A 391 8.85 -8.61 -29.31
C GLY A 391 9.92 -9.38 -28.56
N ASN A 392 11.17 -9.34 -29.01
CA ASN A 392 12.24 -10.03 -28.35
C ASN A 392 12.71 -9.23 -27.13
N ASP A 393 12.97 -9.93 -26.04
CA ASP A 393 13.40 -9.27 -24.81
C ASP A 393 14.79 -8.65 -24.93
N ILE A 394 14.88 -7.36 -24.61
CA ILE A 394 16.16 -6.63 -24.50
C ILE A 394 16.57 -6.67 -23.05
N GLY A 395 15.60 -6.68 -22.15
CA GLY A 395 15.86 -6.99 -20.74
C GLY A 395 15.18 -6.05 -19.79
N PHE A 396 15.25 -6.40 -18.51
CA PHE A 396 14.62 -5.55 -17.48
C PHE A 396 15.37 -4.25 -17.34
N ILE A 397 14.62 -3.19 -17.03
CA ILE A 397 15.18 -1.88 -16.82
C ILE A 397 15.73 -1.80 -15.40
N GLY A 398 17.00 -1.48 -15.31
CA GLY A 398 17.68 -1.20 -14.03
C GLY A 398 18.77 -0.18 -14.27
N PHE A 399 19.95 -0.39 -13.73
CA PHE A 399 21.04 0.55 -13.90
C PHE A 399 22.38 -0.16 -13.94
N LYS A 400 23.37 0.55 -14.46
CA LYS A 400 24.74 0.04 -14.49
C LYS A 400 25.68 1.18 -14.25
N GLN A 401 26.68 0.94 -13.41
CA GLN A 401 27.70 1.92 -13.12
C GLN A 401 28.66 1.96 -14.32
N PHE A 402 28.76 3.12 -14.98
CA PHE A 402 29.73 3.34 -16.06
C PHE A 402 30.60 4.49 -15.61
N ASN A 403 31.85 4.18 -15.29
CA ASN A 403 32.79 5.18 -14.85
C ASN A 403 32.14 6.13 -13.85
N ASN A 404 31.70 5.56 -12.75
CA ASN A 404 31.08 6.32 -11.66
C ASN A 404 29.72 7.00 -11.96
N ILE A 405 29.13 6.81 -13.14
CA ILE A 405 27.76 7.26 -13.41
C ILE A 405 26.83 6.05 -13.43
N ALA A 406 25.76 6.09 -12.65
CA ALA A 406 24.76 5.00 -12.60
C ALA A 406 23.70 5.25 -13.68
N LYS A 407 23.97 4.79 -14.89
CA LYS A 407 23.08 5.03 -16.03
C LYS A 407 21.96 4.01 -16.06
N LEU A 408 20.76 4.43 -16.44
CA LEU A 408 19.66 3.46 -16.58
C LEU A 408 19.93 2.61 -17.84
N VAL A 409 19.68 1.32 -17.69
CA VAL A 409 19.89 0.37 -18.79
C VAL A 409 18.77 -0.62 -18.84
N ALA A 410 18.59 -1.22 -20.02
CA ALA A 410 17.85 -2.46 -20.11
C ALA A 410 18.90 -3.54 -20.27
N SER A 411 18.76 -4.63 -19.50
CA SER A 411 19.78 -5.69 -19.51
C SER A 411 19.20 -7.06 -19.29
N ASN A 412 19.53 -7.98 -20.21
CA ASN A 412 19.10 -9.38 -20.06
C ASN A 412 19.82 -10.12 -18.91
N TRP A 413 20.92 -9.54 -18.41
CA TRP A 413 21.57 -10.00 -17.15
C TRP A 413 20.57 -10.17 -16.00
N TYR A 414 19.64 -9.21 -15.84
CA TYR A 414 18.58 -9.34 -14.80
C TYR A 414 17.65 -10.52 -15.04
N ASN A 415 17.22 -10.66 -16.30
CA ASN A 415 16.29 -11.71 -16.75
C ASN A 415 16.78 -13.15 -16.49
N ARG A 416 18.09 -13.36 -16.43
CA ARG A 416 18.67 -14.69 -16.14
C ARG A 416 18.66 -15.10 -14.65
N GLN A 417 18.14 -14.25 -13.75
CA GLN A 417 18.33 -14.41 -12.31
C GLN A 417 17.01 -14.33 -11.54
N THR A 424 16.51 -9.36 -9.19
CA THR A 424 17.10 -8.65 -8.06
C THR A 424 16.51 -7.21 -7.95
N LEU A 425 16.98 -6.46 -6.95
CA LEU A 425 16.29 -5.21 -6.60
C LEU A 425 16.70 -4.04 -7.48
N GLY A 426 17.81 -4.18 -8.22
CA GLY A 426 18.25 -3.18 -9.22
C GLY A 426 17.23 -2.96 -10.32
N CYS A 427 16.45 -3.98 -10.61
CA CYS A 427 15.42 -3.88 -11.64
C CYS A 427 14.00 -3.85 -11.02
N SER A 428 13.91 -3.49 -9.76
CA SER A 428 12.61 -3.33 -9.08
C SER A 428 12.36 -1.85 -8.81
N TRP A 429 11.19 -1.37 -9.22
CA TRP A 429 10.85 0.04 -9.17
C TRP A 429 9.53 0.25 -8.46
N GLU A 430 9.36 1.44 -7.90
CA GLU A 430 8.06 1.93 -7.49
C GLU A 430 7.78 3.29 -8.08
N PHE A 431 6.48 3.54 -8.25
CA PHE A 431 5.94 4.71 -8.94
C PHE A 431 5.22 5.56 -7.91
N ILE A 432 5.68 6.77 -7.66
CA ILE A 432 5.20 7.57 -6.53
C ILE A 432 4.45 8.81 -7.03
N PRO A 433 3.11 8.84 -6.86
CA PRO A 433 2.38 10.06 -7.18
C PRO A 433 2.29 10.95 -5.93
N VAL A 434 2.05 12.24 -6.14
CA VAL A 434 1.88 13.13 -5.02
C VAL A 434 0.61 12.75 -4.27
N ASP A 435 0.71 12.65 -2.95
CA ASP A 435 -0.39 12.19 -2.10
C ASP A 435 -0.42 13.02 -0.83
N ASP A 436 -1.62 13.46 -0.43
CA ASP A 436 -1.75 14.33 0.74
C ASP A 436 -1.37 13.70 2.06
N GLY A 437 -1.38 12.37 2.12
CA GLY A 437 -0.95 11.65 3.30
C GLY A 437 0.55 11.60 3.49
N TRP A 438 1.30 12.12 2.52
CA TRP A 438 2.77 12.22 2.61
C TRP A 438 3.18 13.64 3.01
N GLY A 439 2.59 14.63 2.37
CA GLY A 439 2.67 16.01 2.86
C GLY A 439 3.85 16.83 2.37
N GLU A 440 4.77 16.19 1.66
CA GLU A 440 5.91 16.85 1.08
C GLU A 440 5.45 17.84 0.03
N ARG A 441 6.14 18.98 -0.01
CA ARG A 441 5.86 20.00 -0.98
C ARG A 441 6.93 19.82 -2.05
N PRO A 442 6.54 19.51 -3.29
CA PRO A 442 7.54 19.40 -4.35
C PRO A 442 8.35 20.71 -4.48
N LEU A 443 9.62 20.57 -4.87
CA LEU A 443 10.51 21.75 -5.01
C LEU A 443 10.05 22.61 -6.16
N GLN A 444 9.51 21.97 -7.19
CA GLN A 444 8.90 22.67 -8.30
C GLN A 444 7.79 21.87 -8.96
#